data_4QVX
#
_entry.id   4QVX
#
_cell.length_a   73.107
_cell.length_b   90.955
_cell.length_c   83.736
_cell.angle_alpha   90.00
_cell.angle_beta   90.00
_cell.angle_gamma   90.00
#
_symmetry.space_group_name_H-M   'C 2 2 21'
#
loop_
_entity.id
_entity.type
_entity.pdbx_description
1 polymer 'Bcl-2-like protein 1'
2 non-polymer '2-[8-(1,3-benzothiazol-2-ylcarbamoyl)-3,4-dihydroisoquinolin-2(1H)-yl]-5-(3-{4-[3-(dimethylamino)prop-1-yn-1-yl]-2-fluorophenoxy}propyl)-1,3-thiazole-4-carboxylic acid'
3 water water
#
_entity_poly.entity_id   1
_entity_poly.type   'polypeptide(L)'
_entity_poly.pdbx_seq_one_letter_code
;MSQSNRELVVDFLSYKLSQKGYSASGGGGGGGMAAVKQALREAGDEFELRYRRAFSDLTSQLHITPGTAYQSFEQVVNEL
FRDGVNWGRIVAFFSFGGALCVESVDKKMQVLVSRIAAWMATYLNDHLEPWIQENGGWATFVELYGNNAAAESRKGQERL
EHHHHHH
;
_entity_poly.pdbx_strand_id   A,B
#
# COMPACT_ATOMS: atom_id res chain seq x y z
N SER A 2 11.60 -0.97 -11.50
CA SER A 2 12.87 -1.62 -11.77
C SER A 2 12.74 -2.59 -12.95
N GLN A 3 13.85 -2.86 -13.62
CA GLN A 3 13.89 -3.77 -14.76
C GLN A 3 13.69 -5.24 -14.36
N SER A 4 14.14 -5.60 -13.16
CA SER A 4 13.98 -6.97 -12.67
C SER A 4 12.49 -7.31 -12.41
N ASN A 5 11.74 -6.34 -11.89
CA ASN A 5 10.32 -6.57 -11.65
C ASN A 5 9.60 -6.69 -12.99
N ARG A 6 9.92 -5.76 -13.89
CA ARG A 6 9.29 -5.74 -15.21
C ARG A 6 9.54 -7.05 -15.96
N GLU A 7 10.74 -7.60 -15.81
CA GLU A 7 11.08 -8.86 -16.46
C GLU A 7 10.23 -10.02 -15.95
N LEU A 8 9.97 -10.05 -14.63
CA LEU A 8 9.16 -11.08 -14.00
C LEU A 8 7.73 -11.00 -14.48
N VAL A 9 7.26 -9.76 -14.64
CA VAL A 9 5.89 -9.52 -15.09
C VAL A 9 5.69 -10.00 -16.53
N VAL A 10 6.61 -9.64 -17.41
CA VAL A 10 6.52 -10.03 -18.83
C VAL A 10 6.63 -11.54 -18.98
N ASP A 11 7.53 -12.15 -18.22
CA ASP A 11 7.71 -13.59 -18.27
C ASP A 11 6.44 -14.33 -17.81
N PHE A 12 5.89 -13.93 -16.67
CA PHE A 12 4.68 -14.55 -16.16
C PHE A 12 3.49 -14.37 -17.09
N LEU A 13 3.29 -13.15 -17.59
CA LEU A 13 2.18 -12.88 -18.51
C LEU A 13 2.29 -13.67 -19.81
N SER A 14 3.49 -13.74 -20.38
CA SER A 14 3.71 -14.48 -21.62
C SER A 14 3.41 -15.95 -21.37
N TYR A 15 3.86 -16.45 -20.21
CA TYR A 15 3.64 -17.83 -19.81
C TYR A 15 2.15 -18.14 -19.69
N LYS A 16 1.43 -17.30 -18.97
CA LYS A 16 0.00 -17.51 -18.82
C LYS A 16 -0.76 -17.42 -20.15
N LEU A 17 -0.40 -16.45 -20.99
CA LEU A 17 -1.05 -16.28 -22.29
C LEU A 17 -0.83 -17.51 -23.15
N SER A 18 0.42 -17.97 -23.21
CA SER A 18 0.76 -19.14 -24.00
C SER A 18 0.07 -20.41 -23.51
N GLN A 19 -0.09 -20.51 -22.19
CA GLN A 19 -0.71 -21.66 -21.54
C GLN A 19 -2.17 -21.81 -21.95
N LYS A 20 -2.82 -20.68 -22.19
CA LYS A 20 -4.22 -20.69 -22.58
C LYS A 20 -4.41 -20.71 -24.09
N GLY A 21 -3.31 -20.80 -24.83
CA GLY A 21 -3.37 -20.88 -26.29
C GLY A 21 -3.07 -19.61 -27.06
N TYR A 22 -2.55 -18.59 -26.38
CA TYR A 22 -2.20 -17.33 -27.02
C TYR A 22 -0.70 -17.10 -26.94
N GLY A 32 17.87 -13.84 -17.58
CA GLY A 32 18.24 -14.23 -16.23
C GLY A 32 17.04 -14.47 -15.34
N MET A 33 17.27 -14.44 -14.02
CA MET A 33 16.20 -14.64 -13.05
C MET A 33 15.44 -15.92 -13.34
N ALA A 34 16.12 -16.87 -13.97
CA ALA A 34 15.51 -18.15 -14.35
C ALA A 34 14.79 -18.86 -13.21
N ALA A 35 15.44 -18.97 -12.06
CA ALA A 35 14.87 -19.65 -10.92
C ALA A 35 13.65 -18.93 -10.36
N VAL A 36 13.68 -17.60 -10.38
CA VAL A 36 12.58 -16.80 -9.88
C VAL A 36 11.39 -16.92 -10.82
N LYS A 37 11.66 -16.85 -12.12
CA LYS A 37 10.62 -16.97 -13.13
C LYS A 37 9.92 -18.31 -13.05
N GLN A 38 10.71 -19.37 -12.86
CA GLN A 38 10.19 -20.73 -12.75
C GLN A 38 9.35 -20.91 -11.50
N ALA A 39 9.86 -20.45 -10.36
CA ALA A 39 9.09 -20.56 -9.12
C ALA A 39 7.77 -19.79 -9.25
N LEU A 40 7.84 -18.59 -9.83
CA LEU A 40 6.65 -17.77 -10.04
C LEU A 40 5.63 -18.45 -10.95
N ARG A 41 6.11 -19.03 -12.06
CA ARG A 41 5.21 -19.73 -12.98
C ARG A 41 4.52 -20.87 -12.25
N GLU A 42 5.30 -21.65 -11.50
CA GLU A 42 4.78 -22.80 -10.75
C GLU A 42 3.78 -22.37 -9.66
N ALA A 43 4.11 -21.29 -8.95
CA ALA A 43 3.23 -20.80 -7.89
C ALA A 43 1.90 -20.31 -8.50
N GLY A 44 1.99 -19.61 -9.63
CA GLY A 44 0.81 -19.11 -10.32
C GLY A 44 -0.10 -20.25 -10.75
N ASP A 45 0.50 -21.35 -11.21
CA ASP A 45 -0.28 -22.53 -11.61
C ASP A 45 -1.00 -23.14 -10.40
N GLU A 46 -0.30 -23.23 -9.28
CA GLU A 46 -0.90 -23.77 -8.06
C GLU A 46 -2.05 -22.88 -7.59
N PHE A 47 -1.86 -21.57 -7.69
CA PHE A 47 -2.93 -20.67 -7.29
C PHE A 47 -4.17 -20.90 -8.15
N GLU A 48 -3.97 -21.02 -9.45
CA GLU A 48 -5.08 -21.25 -10.36
C GLU A 48 -5.75 -22.63 -10.19
N LEU A 49 -4.95 -23.66 -9.93
CA LEU A 49 -5.49 -25.01 -9.73
C LEU A 49 -6.16 -25.21 -8.36
N ARG A 50 -5.60 -24.61 -7.31
CA ARG A 50 -6.06 -24.83 -5.96
C ARG A 50 -6.72 -23.66 -5.21
N TYR A 51 -6.18 -22.46 -5.36
CA TYR A 51 -6.65 -21.33 -4.57
C TYR A 51 -7.61 -20.31 -5.17
N ARG A 52 -7.54 -20.09 -6.47
CA ARG A 52 -8.39 -19.07 -7.06
C ARG A 52 -9.87 -19.20 -6.69
N ARG A 53 -10.35 -20.45 -6.65
CA ARG A 53 -11.75 -20.71 -6.31
C ARG A 53 -12.12 -20.31 -4.88
N ALA A 54 -11.11 -20.20 -4.03
CA ALA A 54 -11.31 -19.92 -2.61
C ALA A 54 -11.25 -18.46 -2.19
N PHE A 55 -11.25 -17.55 -3.16
CA PHE A 55 -11.21 -16.12 -2.88
C PHE A 55 -12.15 -15.38 -3.83
N SER A 56 -12.48 -14.15 -3.46
CA SER A 56 -13.35 -13.28 -4.24
C SER A 56 -12.73 -13.01 -5.62
N ASP A 57 -13.54 -13.15 -6.66
CA ASP A 57 -13.08 -12.95 -8.04
C ASP A 57 -12.90 -11.47 -8.39
N LEU A 58 -11.65 -11.02 -8.44
CA LEU A 58 -11.35 -9.62 -8.73
C LEU A 58 -11.65 -9.21 -10.19
N THR A 59 -11.69 -10.16 -11.11
CA THR A 59 -11.99 -9.83 -12.50
C THR A 59 -13.41 -9.29 -12.61
N SER A 60 -14.26 -9.68 -11.65
CA SER A 60 -15.64 -9.21 -11.64
C SER A 60 -15.71 -7.74 -11.22
N GLN A 61 -14.73 -7.31 -10.44
CA GLN A 61 -14.71 -5.93 -9.95
C GLN A 61 -14.03 -4.92 -10.87
N LEU A 62 -13.21 -5.39 -11.81
CA LEU A 62 -12.51 -4.46 -12.67
C LEU A 62 -13.18 -4.17 -14.00
N HIS A 63 -13.72 -5.21 -14.64
CA HIS A 63 -14.37 -5.04 -15.96
C HIS A 63 -13.51 -4.17 -16.88
N ILE A 64 -12.36 -4.71 -17.26
CA ILE A 64 -11.36 -4.03 -18.06
C ILE A 64 -11.75 -3.67 -19.49
N THR A 65 -11.31 -2.50 -19.94
CA THR A 65 -11.56 -2.00 -21.29
C THR A 65 -10.44 -1.02 -21.65
N PRO A 66 -10.47 -0.46 -22.87
CA PRO A 66 -9.43 0.48 -23.26
C PRO A 66 -9.51 1.79 -22.49
N GLY A 67 -10.61 2.01 -21.81
CA GLY A 67 -10.78 3.21 -21.01
C GLY A 67 -10.39 3.02 -19.56
N THR A 68 -10.19 1.77 -19.16
CA THR A 68 -9.80 1.45 -17.79
C THR A 68 -8.50 2.15 -17.40
N ALA A 69 -8.54 2.92 -16.32
CA ALA A 69 -7.37 3.63 -15.83
C ALA A 69 -6.59 2.80 -14.81
N TYR A 70 -5.31 3.12 -14.68
CA TYR A 70 -4.44 2.44 -13.72
C TYR A 70 -5.03 2.57 -12.31
N GLN A 71 -5.56 3.76 -12.00
CA GLN A 71 -6.13 4.02 -10.69
C GLN A 71 -7.22 3.01 -10.34
N SER A 72 -8.00 2.59 -11.34
CA SER A 72 -9.05 1.59 -11.13
C SER A 72 -8.42 0.24 -10.76
N PHE A 73 -7.40 -0.14 -11.50
CA PHE A 73 -6.68 -1.37 -11.26
C PHE A 73 -6.06 -1.33 -9.85
N GLU A 74 -5.49 -0.17 -9.53
CA GLU A 74 -4.84 0.02 -8.24
C GLU A 74 -5.81 -0.18 -7.08
N GLN A 75 -7.02 0.37 -7.21
CA GLN A 75 -8.03 0.25 -6.15
C GLN A 75 -8.49 -1.19 -5.93
N VAL A 76 -8.55 -1.96 -7.01
CA VAL A 76 -8.97 -3.36 -6.90
C VAL A 76 -7.89 -4.21 -6.25
N VAL A 77 -6.64 -3.97 -6.65
CA VAL A 77 -5.49 -4.69 -6.12
C VAL A 77 -5.30 -4.38 -4.64
N ASN A 78 -5.61 -3.15 -4.24
CA ASN A 78 -5.51 -2.72 -2.84
C ASN A 78 -6.39 -3.61 -1.96
N GLU A 79 -7.52 -4.05 -2.49
CA GLU A 79 -8.42 -4.92 -1.73
C GLU A 79 -7.71 -6.24 -1.45
N LEU A 80 -6.89 -6.66 -2.39
CA LEU A 80 -6.12 -7.90 -2.24
C LEU A 80 -5.14 -7.81 -1.07
N PHE A 81 -4.50 -6.66 -0.91
CA PHE A 81 -3.50 -6.47 0.15
C PHE A 81 -4.02 -5.61 1.31
N ARG A 82 -5.34 -5.53 1.45
CA ARG A 82 -5.93 -4.69 2.49
C ARG A 82 -5.38 -4.91 3.90
N ASP A 83 -5.11 -6.17 4.22
CA ASP A 83 -4.58 -6.55 5.54
C ASP A 83 -3.06 -6.69 5.52
N GLY A 84 -2.42 -6.32 4.42
CA GLY A 84 -0.98 -6.47 4.34
C GLY A 84 -0.52 -7.41 3.25
N VAL A 85 0.79 -7.51 3.10
CA VAL A 85 1.41 -8.32 2.05
C VAL A 85 1.99 -9.63 2.58
N ASN A 86 1.97 -10.66 1.73
CA ASN A 86 2.66 -11.91 1.99
C ASN A 86 2.92 -12.56 0.63
N TRP A 87 3.75 -13.60 0.57
CA TRP A 87 4.10 -14.24 -0.71
C TRP A 87 2.89 -14.76 -1.48
N GLY A 88 1.98 -15.43 -0.79
CA GLY A 88 0.78 -15.98 -1.42
C GLY A 88 -0.05 -14.89 -2.08
N ARG A 89 -0.15 -13.73 -1.43
CA ARG A 89 -0.91 -12.61 -1.98
C ARG A 89 -0.24 -12.01 -3.21
N ILE A 90 1.09 -12.01 -3.21
CA ILE A 90 1.83 -11.53 -4.36
C ILE A 90 1.58 -12.50 -5.53
N VAL A 91 1.50 -13.79 -5.23
CA VAL A 91 1.20 -14.77 -6.25
C VAL A 91 -0.21 -14.52 -6.82
N ALA A 92 -1.16 -14.26 -5.93
CA ALA A 92 -2.55 -13.98 -6.36
C ALA A 92 -2.59 -12.76 -7.26
N PHE A 93 -1.73 -11.78 -6.95
CA PHE A 93 -1.61 -10.56 -7.73
C PHE A 93 -1.07 -10.83 -9.15
N PHE A 94 0.00 -11.62 -9.27
CA PHE A 94 0.51 -11.96 -10.59
C PHE A 94 -0.55 -12.73 -11.38
N SER A 95 -1.18 -13.69 -10.72
CA SER A 95 -2.21 -14.51 -11.34
C SER A 95 -3.42 -13.67 -11.78
N PHE A 96 -3.75 -12.63 -11.02
CA PHE A 96 -4.84 -11.72 -11.38
C PHE A 96 -4.49 -10.95 -12.66
N GLY A 97 -3.26 -10.49 -12.76
CA GLY A 97 -2.78 -9.80 -13.95
C GLY A 97 -2.81 -10.75 -15.15
N GLY A 98 -2.48 -12.01 -14.94
CA GLY A 98 -2.52 -12.99 -16.01
C GLY A 98 -3.94 -13.18 -16.52
N ALA A 99 -4.91 -13.21 -15.62
CA ALA A 99 -6.31 -13.37 -15.98
C ALA A 99 -6.84 -12.16 -16.77
N LEU A 100 -6.42 -10.96 -16.39
CA LEU A 100 -6.84 -9.76 -17.12
C LEU A 100 -6.31 -9.78 -18.54
N CYS A 101 -5.09 -10.28 -18.73
CA CYS A 101 -4.50 -10.36 -20.06
C CYS A 101 -5.23 -11.37 -20.92
N VAL A 102 -5.56 -12.51 -20.33
CA VAL A 102 -6.28 -13.56 -21.04
C VAL A 102 -7.65 -13.02 -21.44
N GLU A 103 -8.32 -12.38 -20.49
CA GLU A 103 -9.64 -11.85 -20.78
C GLU A 103 -9.61 -10.71 -21.79
N SER A 104 -8.47 -10.02 -21.89
CA SER A 104 -8.29 -8.94 -22.85
C SER A 104 -8.09 -9.49 -24.26
N VAL A 105 -7.30 -10.55 -24.37
CA VAL A 105 -7.07 -11.17 -25.67
C VAL A 105 -8.35 -11.85 -26.19
N ASP A 106 -9.23 -12.20 -25.26
CA ASP A 106 -10.49 -12.89 -25.59
C ASP A 106 -11.55 -11.94 -26.13
N LYS A 107 -11.48 -10.69 -25.70
CA LYS A 107 -12.41 -9.65 -26.16
C LYS A 107 -11.82 -8.87 -27.33
N LYS A 108 -10.78 -9.41 -27.94
CA LYS A 108 -10.14 -8.77 -29.10
C LYS A 108 -9.40 -7.47 -28.75
N MET A 109 -9.05 -7.30 -27.48
CA MET A 109 -8.32 -6.11 -27.04
C MET A 109 -6.89 -6.46 -26.65
N GLN A 110 -6.17 -7.09 -27.57
CA GLN A 110 -4.79 -7.50 -27.32
C GLN A 110 -3.90 -6.31 -26.98
N VAL A 111 -4.37 -5.11 -27.30
CA VAL A 111 -3.61 -3.89 -27.04
C VAL A 111 -3.45 -3.63 -25.54
N LEU A 112 -4.39 -4.13 -24.75
CA LEU A 112 -4.37 -3.94 -23.31
C LEU A 112 -3.30 -4.76 -22.57
N VAL A 113 -2.74 -5.76 -23.23
CA VAL A 113 -1.74 -6.62 -22.58
C VAL A 113 -0.52 -5.85 -22.08
N SER A 114 0.09 -5.05 -22.95
CA SER A 114 1.25 -4.28 -22.57
C SER A 114 0.90 -3.25 -21.51
N ARG A 115 -0.34 -2.77 -21.52
CA ARG A 115 -0.78 -1.82 -20.51
C ARG A 115 -0.90 -2.51 -19.15
N ILE A 116 -1.50 -3.69 -19.13
CA ILE A 116 -1.65 -4.46 -17.90
C ILE A 116 -0.27 -4.77 -17.33
N ALA A 117 0.65 -5.13 -18.21
CA ALA A 117 2.02 -5.38 -17.81
C ALA A 117 2.65 -4.18 -17.10
N ALA A 118 2.43 -2.98 -17.67
CA ALA A 118 2.94 -1.75 -17.09
C ALA A 118 2.28 -1.45 -15.74
N TRP A 119 0.98 -1.74 -15.63
CA TRP A 119 0.25 -1.53 -14.39
C TRP A 119 0.86 -2.38 -13.27
N MET A 120 1.12 -3.64 -13.60
CA MET A 120 1.67 -4.59 -12.65
C MET A 120 3.06 -4.19 -12.19
N ALA A 121 3.91 -3.87 -13.15
CA ALA A 121 5.28 -3.44 -12.83
C ALA A 121 5.23 -2.19 -11.95
N THR A 122 4.33 -1.28 -12.29
CA THR A 122 4.17 -0.04 -11.55
C THR A 122 3.74 -0.28 -10.11
N TYR A 123 2.69 -1.09 -9.96
CA TYR A 123 2.17 -1.43 -8.63
C TYR A 123 3.23 -2.15 -7.80
N LEU A 124 3.96 -3.07 -8.45
CA LEU A 124 5.03 -3.79 -7.77
C LEU A 124 6.09 -2.81 -7.24
N ASN A 125 6.59 -1.96 -8.12
CA ASN A 125 7.62 -1.00 -7.75
C ASN A 125 7.18 0.03 -6.71
N ASP A 126 5.91 0.46 -6.79
CA ASP A 126 5.40 1.47 -5.87
C ASP A 126 4.86 0.96 -4.54
N HIS A 127 4.41 -0.28 -4.50
CA HIS A 127 3.77 -0.80 -3.30
C HIS A 127 4.30 -2.10 -2.71
N LEU A 128 4.82 -2.98 -3.56
CA LEU A 128 5.26 -4.29 -3.08
C LEU A 128 6.76 -4.46 -2.89
N GLU A 129 7.55 -3.73 -3.66
CA GLU A 129 9.00 -3.85 -3.59
C GLU A 129 9.59 -3.74 -2.17
N PRO A 130 9.14 -2.76 -1.38
CA PRO A 130 9.73 -2.65 -0.03
C PRO A 130 9.53 -3.91 0.80
N TRP A 131 8.31 -4.44 0.79
CA TRP A 131 8.01 -5.65 1.54
C TRP A 131 8.87 -6.81 1.02
N ILE A 132 8.98 -6.91 -0.30
CA ILE A 132 9.77 -7.97 -0.92
C ILE A 132 11.22 -7.95 -0.41
N GLN A 133 11.83 -6.77 -0.46
CA GLN A 133 13.22 -6.61 -0.04
C GLN A 133 13.41 -6.85 1.45
N GLU A 134 12.43 -6.42 2.25
CA GLU A 134 12.48 -6.60 3.69
C GLU A 134 12.18 -8.05 4.08
N ASN A 135 11.65 -8.83 3.16
CA ASN A 135 11.35 -10.23 3.49
C ASN A 135 12.26 -11.25 2.81
N GLY A 136 13.49 -10.84 2.50
CA GLY A 136 14.48 -11.72 1.92
C GLY A 136 14.65 -11.66 0.40
N GLY A 137 13.85 -10.85 -0.27
CA GLY A 137 13.95 -10.71 -1.71
C GLY A 137 13.37 -11.93 -2.41
N TRP A 138 13.41 -11.91 -3.75
CA TRP A 138 12.88 -13.01 -4.54
C TRP A 138 13.56 -14.35 -4.28
N ALA A 139 14.80 -14.28 -3.81
CA ALA A 139 15.56 -15.49 -3.50
C ALA A 139 14.83 -16.30 -2.42
N THR A 140 14.24 -15.59 -1.46
CA THR A 140 13.49 -16.25 -0.39
C THR A 140 12.19 -16.85 -0.91
N PHE A 141 11.54 -16.16 -1.84
CA PHE A 141 10.33 -16.69 -2.45
C PHE A 141 10.67 -18.03 -3.11
N VAL A 142 11.82 -18.11 -3.76
CA VAL A 142 12.25 -19.35 -4.43
C VAL A 142 12.41 -20.49 -3.44
N GLU A 143 13.02 -20.20 -2.29
CA GLU A 143 13.22 -21.21 -1.25
C GLU A 143 11.91 -21.75 -0.73
N LEU A 144 10.92 -20.87 -0.58
CA LEU A 144 9.61 -21.25 -0.04
C LEU A 144 8.63 -21.85 -1.04
N TYR A 145 8.52 -21.24 -2.21
CA TYR A 145 7.56 -21.68 -3.20
C TYR A 145 8.19 -22.46 -4.36
N GLY A 146 9.50 -22.32 -4.54
CA GLY A 146 10.21 -23.02 -5.60
C GLY A 146 10.83 -24.32 -5.12
N SER B 2 4.01 -2.86 16.15
CA SER B 2 5.17 -2.67 17.01
C SER B 2 4.93 -1.56 18.03
N GLN B 3 5.61 -1.67 19.17
CA GLN B 3 5.48 -0.69 20.24
C GLN B 3 6.12 0.65 19.90
N SER B 4 7.18 0.62 19.09
CA SER B 4 7.87 1.84 18.69
C SER B 4 7.01 2.72 17.77
N ASN B 5 6.24 2.10 16.89
CA ASN B 5 5.35 2.84 16.01
C ASN B 5 4.19 3.42 16.80
N ARG B 6 3.65 2.61 17.73
CA ARG B 6 2.55 3.06 18.59
C ARG B 6 2.99 4.24 19.46
N GLU B 7 4.23 4.21 19.93
CA GLU B 7 4.75 5.29 20.77
C GLU B 7 4.82 6.61 20.02
N LEU B 8 5.24 6.54 18.75
CA LEU B 8 5.36 7.73 17.91
C LEU B 8 3.98 8.31 17.64
N VAL B 9 3.01 7.43 17.47
CA VAL B 9 1.63 7.84 17.21
C VAL B 9 1.04 8.58 18.42
N VAL B 10 1.19 7.99 19.59
CA VAL B 10 0.67 8.58 20.83
C VAL B 10 1.34 9.91 21.15
N ASP B 11 2.66 9.97 20.94
CA ASP B 11 3.40 11.19 21.18
C ASP B 11 2.96 12.32 20.26
N PHE B 12 2.86 12.02 18.96
CA PHE B 12 2.44 13.03 18.00
C PHE B 12 0.99 13.49 18.23
N LEU B 13 0.09 12.55 18.48
CA LEU B 13 -1.31 12.91 18.73
C LEU B 13 -1.49 13.74 20.00
N SER B 14 -0.77 13.39 21.06
CA SER B 14 -0.85 14.13 22.31
C SER B 14 -0.31 15.54 22.09
N TYR B 15 0.81 15.64 21.39
CA TYR B 15 1.42 16.92 21.05
C TYR B 15 0.46 17.81 20.28
N LYS B 16 -0.21 17.24 19.27
CA LYS B 16 -1.15 18.01 18.45
C LYS B 16 -2.39 18.46 19.25
N LEU B 17 -2.90 17.58 20.11
CA LEU B 17 -4.06 17.92 20.93
C LEU B 17 -3.70 19.05 21.90
N SER B 18 -2.60 18.88 22.62
CA SER B 18 -2.14 19.89 23.57
C SER B 18 -1.88 21.22 22.84
N GLN B 19 -1.25 21.14 21.67
CA GLN B 19 -0.98 22.32 20.85
C GLN B 19 -2.24 23.10 20.55
N LYS B 20 -3.34 22.38 20.35
CA LYS B 20 -4.61 23.00 20.03
C LYS B 20 -5.49 23.30 21.23
N GLY B 21 -4.99 23.03 22.43
CA GLY B 21 -5.73 23.33 23.63
C GLY B 21 -6.38 22.15 24.35
N TYR B 22 -6.28 20.95 23.78
CA TYR B 22 -6.88 19.76 24.37
C TYR B 22 -5.85 18.84 25.01
N GLY B 32 11.73 7.20 25.36
CA GLY B 32 12.82 7.23 24.41
C GLY B 32 12.41 7.79 23.06
N MET B 33 13.17 7.45 22.02
CA MET B 33 12.89 7.91 20.66
C MET B 33 12.73 9.42 20.64
N ALA B 34 13.39 10.10 21.58
CA ALA B 34 13.31 11.55 21.69
C ALA B 34 13.59 12.31 20.40
N ALA B 35 14.66 11.93 19.70
CA ALA B 35 15.04 12.62 18.46
C ALA B 35 14.04 12.40 17.34
N VAL B 36 13.46 11.19 17.29
CA VAL B 36 12.47 10.85 16.28
C VAL B 36 11.18 11.61 16.55
N LYS B 37 10.77 11.64 17.82
CA LYS B 37 9.55 12.32 18.24
C LYS B 37 9.65 13.81 17.95
N GLN B 38 10.82 14.38 18.21
CA GLN B 38 11.06 15.81 17.97
C GLN B 38 11.05 16.14 16.48
N ALA B 39 11.75 15.35 15.68
CA ALA B 39 11.75 15.58 14.23
C ALA B 39 10.32 15.47 13.70
N LEU B 40 9.60 14.46 14.17
CA LEU B 40 8.20 14.24 13.73
C LEU B 40 7.29 15.41 14.11
N ARG B 41 7.42 15.90 15.34
CA ARG B 41 6.62 17.04 15.78
C ARG B 41 6.92 18.25 14.90
N GLU B 42 8.20 18.52 14.67
CA GLU B 42 8.64 19.65 13.85
C GLU B 42 8.19 19.52 12.39
N ALA B 43 8.29 18.32 11.85
CA ALA B 43 7.90 18.07 10.46
C ALA B 43 6.39 18.27 10.33
N GLY B 44 5.63 17.75 11.29
CA GLY B 44 4.18 17.89 11.30
C GLY B 44 3.77 19.36 11.34
N ASP B 45 4.47 20.14 12.16
CA ASP B 45 4.19 21.56 12.28
C ASP B 45 4.48 22.28 10.94
N GLU B 46 5.62 21.95 10.33
CA GLU B 46 5.97 22.54 9.05
C GLU B 46 4.92 22.21 7.97
N PHE B 47 4.45 20.96 7.96
CA PHE B 47 3.42 20.52 7.00
C PHE B 47 2.14 21.32 7.16
N GLU B 48 1.74 21.53 8.40
CA GLU B 48 0.52 22.27 8.68
C GLU B 48 0.61 23.76 8.30
N LEU B 49 1.75 24.38 8.54
CA LEU B 49 1.95 25.80 8.23
C LEU B 49 2.11 26.09 6.72
N ARG B 50 2.79 25.19 6.01
CA ARG B 50 3.11 25.44 4.62
C ARG B 50 2.52 24.50 3.57
N TYR B 51 2.45 23.20 3.87
CA TYR B 51 2.02 22.22 2.86
C TYR B 51 0.60 21.71 2.86
N ARG B 52 -0.04 21.62 4.01
CA ARG B 52 -1.38 21.06 4.05
C ARG B 52 -2.35 21.70 3.05
N ARG B 53 -2.24 23.02 2.88
CA ARG B 53 -3.14 23.75 2.00
C ARG B 53 -3.10 23.38 0.52
N ALA B 54 -1.97 22.91 0.03
CA ALA B 54 -1.81 22.57 -1.40
C ALA B 54 -2.37 21.21 -1.78
N PHE B 55 -2.39 20.29 -0.84
CA PHE B 55 -2.82 18.93 -1.14
C PHE B 55 -4.28 18.75 -0.86
N SER B 56 -4.86 17.72 -1.47
CA SER B 56 -6.30 17.46 -1.33
C SER B 56 -6.64 17.23 0.14
N ASP B 57 -7.69 17.89 0.63
CA ASP B 57 -8.06 17.79 2.03
C ASP B 57 -8.72 16.46 2.38
N LEU B 58 -7.98 15.58 3.03
CA LEU B 58 -8.50 14.26 3.36
C LEU B 58 -9.59 14.26 4.43
N THR B 59 -9.62 15.29 5.28
CA THR B 59 -10.65 15.36 6.31
C THR B 59 -12.01 15.51 5.67
N SER B 60 -12.05 16.07 4.46
CA SER B 60 -13.30 16.25 3.73
C SER B 60 -13.82 14.91 3.21
N GLN B 61 -12.91 13.97 2.96
CA GLN B 61 -13.29 12.67 2.42
C GLN B 61 -13.67 11.62 3.46
N LEU B 62 -13.24 11.81 4.69
CA LEU B 62 -13.54 10.83 5.72
C LEU B 62 -14.80 11.10 6.53
N HIS B 63 -15.03 12.35 6.90
CA HIS B 63 -16.19 12.75 7.71
C HIS B 63 -16.35 11.77 8.87
N ILE B 64 -15.39 11.82 9.79
CA ILE B 64 -15.33 10.92 10.93
C ILE B 64 -16.45 11.02 11.95
N THR B 65 -16.87 9.85 12.44
CA THR B 65 -17.91 9.75 13.45
C THR B 65 -17.69 8.44 14.21
N PRO B 66 -18.53 8.15 15.22
CA PRO B 66 -18.36 6.91 15.98
C PRO B 66 -18.67 5.67 15.14
N GLY B 67 -19.28 5.88 13.98
CA GLY B 67 -19.62 4.78 13.10
C GLY B 67 -18.57 4.54 12.04
N THR B 68 -17.63 5.48 11.90
CA THR B 68 -16.55 5.37 10.92
C THR B 68 -15.72 4.11 11.13
N ALA B 69 -15.61 3.29 10.09
CA ALA B 69 -14.84 2.05 10.16
C ALA B 69 -13.38 2.25 9.76
N TYR B 70 -12.50 1.38 10.27
CA TYR B 70 -11.09 1.44 9.93
C TYR B 70 -10.91 1.35 8.41
N GLN B 71 -11.72 0.48 7.78
CA GLN B 71 -11.64 0.31 6.32
C GLN B 71 -11.82 1.62 5.58
N SER B 72 -12.70 2.49 6.08
CA SER B 72 -12.92 3.81 5.47
C SER B 72 -11.65 4.68 5.60
N PHE B 73 -11.06 4.66 6.78
CA PHE B 73 -9.83 5.40 7.06
C PHE B 73 -8.73 4.85 6.15
N GLU B 74 -8.67 3.54 6.03
CA GLU B 74 -7.66 2.87 5.22
C GLU B 74 -7.74 3.28 3.75
N GLN B 75 -8.97 3.36 3.22
CA GLN B 75 -9.16 3.77 1.83
C GLN B 75 -8.72 5.20 1.55
N VAL B 76 -8.93 6.07 2.53
CA VAL B 76 -8.56 7.47 2.37
C VAL B 76 -7.04 7.64 2.45
N VAL B 77 -6.42 6.92 3.37
CA VAL B 77 -4.98 6.96 3.54
C VAL B 77 -4.25 6.37 2.33
N ASN B 78 -4.87 5.36 1.70
CA ASN B 78 -4.31 4.75 0.50
C ASN B 78 -4.14 5.79 -0.61
N GLU B 79 -5.05 6.75 -0.67
CA GLU B 79 -5.00 7.80 -1.68
C GLU B 79 -3.75 8.66 -1.43
N LEU B 80 -3.39 8.77 -0.17
CA LEU B 80 -2.20 9.54 0.21
C LEU B 80 -0.94 8.88 -0.33
N PHE B 81 -0.90 7.54 -0.29
CA PHE B 81 0.28 6.80 -0.76
C PHE B 81 0.08 6.15 -2.12
N ARG B 82 -0.87 6.66 -2.89
CA ARG B 82 -1.16 6.09 -4.21
C ARG B 82 0.05 5.98 -5.14
N ASP B 83 0.98 6.95 -5.06
CA ASP B 83 2.19 6.93 -5.88
C ASP B 83 3.39 6.33 -5.14
N GLY B 84 3.13 5.72 -4.01
CA GLY B 84 4.18 5.12 -3.22
C GLY B 84 4.44 5.89 -1.94
N VAL B 85 5.37 5.37 -1.15
CA VAL B 85 5.69 5.99 0.11
C VAL B 85 6.95 6.84 0.03
N ASN B 86 6.96 7.89 0.85
CA ASN B 86 8.16 8.68 1.04
C ASN B 86 7.99 9.34 2.40
N TRP B 87 9.05 9.94 2.92
CA TRP B 87 9.00 10.56 4.23
C TRP B 87 7.96 11.68 4.37
N GLY B 88 7.91 12.58 3.38
CA GLY B 88 6.96 13.66 3.36
C GLY B 88 5.53 13.17 3.48
N ARG B 89 5.23 12.07 2.79
CA ARG B 89 3.91 11.48 2.82
C ARG B 89 3.57 10.87 4.19
N ILE B 90 4.60 10.32 4.84
CA ILE B 90 4.40 9.76 6.16
C ILE B 90 4.12 10.91 7.13
N VAL B 91 4.78 12.04 6.92
CA VAL B 91 4.50 13.23 7.74
C VAL B 91 3.06 13.69 7.53
N ALA B 92 2.61 13.69 6.28
CA ALA B 92 1.24 14.11 5.98
C ALA B 92 0.25 13.14 6.65
N PHE B 93 0.63 11.87 6.71
CA PHE B 93 -0.20 10.83 7.34
C PHE B 93 -0.33 11.07 8.86
N PHE B 94 0.77 11.36 9.53
CA PHE B 94 0.71 11.66 10.96
C PHE B 94 -0.12 12.91 11.21
N SER B 95 0.13 13.92 10.39
CA SER B 95 -0.59 15.19 10.48
C SER B 95 -2.09 15.02 10.22
N PHE B 96 -2.44 14.11 9.32
CA PHE B 96 -3.85 13.82 9.03
C PHE B 96 -4.51 13.18 10.25
N GLY B 97 -3.82 12.25 10.90
CA GLY B 97 -4.33 11.63 12.10
C GLY B 97 -4.50 12.67 13.21
N GLY B 98 -3.57 13.62 13.30
CA GLY B 98 -3.67 14.68 14.29
C GLY B 98 -4.90 15.53 14.07
N ALA B 99 -5.19 15.84 12.80
CA ALA B 99 -6.35 16.64 12.44
C ALA B 99 -7.66 15.93 12.76
N LEU B 100 -7.71 14.61 12.55
CA LEU B 100 -8.91 13.84 12.87
C LEU B 100 -9.16 13.85 14.39
N CYS B 101 -8.09 13.79 15.17
CA CYS B 101 -8.22 13.81 16.62
C CYS B 101 -8.73 15.16 17.12
N VAL B 102 -8.19 16.23 16.55
CA VAL B 102 -8.57 17.59 16.92
C VAL B 102 -10.02 17.82 16.52
N GLU B 103 -10.38 17.39 15.32
CA GLU B 103 -11.75 17.55 14.88
C GLU B 103 -12.73 16.70 15.68
N SER B 104 -12.22 15.60 16.26
CA SER B 104 -13.04 14.71 17.08
C SER B 104 -13.30 15.32 18.45
N VAL B 105 -12.27 15.91 19.03
CA VAL B 105 -12.39 16.54 20.34
C VAL B 105 -13.29 17.78 20.28
N ASP B 106 -13.33 18.41 19.10
CA ASP B 106 -14.18 19.58 18.91
C ASP B 106 -15.65 19.17 18.94
N LYS B 107 -15.98 18.13 18.18
CA LYS B 107 -17.36 17.64 18.07
C LYS B 107 -17.82 16.85 19.29
N LYS B 108 -17.07 16.96 20.38
CA LYS B 108 -17.43 16.27 21.61
C LYS B 108 -17.29 14.75 21.54
N MET B 109 -16.52 14.26 20.57
CA MET B 109 -16.30 12.82 20.43
C MET B 109 -14.88 12.44 20.80
N GLN B 110 -14.48 12.80 22.02
CA GLN B 110 -13.15 12.50 22.52
C GLN B 110 -12.87 11.00 22.54
N VAL B 111 -13.94 10.20 22.47
CA VAL B 111 -13.81 8.74 22.48
C VAL B 111 -13.09 8.22 21.23
N LEU B 112 -13.19 8.98 20.14
CA LEU B 112 -12.57 8.58 18.88
C LEU B 112 -11.05 8.73 18.85
N VAL B 113 -10.48 9.44 19.80
CA VAL B 113 -9.03 9.66 19.81
C VAL B 113 -8.22 8.37 19.88
N SER B 114 -8.56 7.53 20.86
CA SER B 114 -7.84 6.27 21.04
C SER B 114 -8.06 5.34 19.86
N ARG B 115 -9.22 5.46 19.22
CA ARG B 115 -9.51 4.68 18.04
C ARG B 115 -8.64 5.13 16.86
N ILE B 116 -8.55 6.43 16.65
CA ILE B 116 -7.73 6.99 15.57
C ILE B 116 -6.28 6.56 15.80
N ALA B 117 -5.85 6.61 17.05
CA ALA B 117 -4.48 6.19 17.40
C ALA B 117 -4.23 4.73 16.98
N ALA B 118 -5.21 3.86 17.26
CA ALA B 118 -5.10 2.46 16.90
C ALA B 118 -5.10 2.27 15.38
N TRP B 119 -5.91 3.06 14.67
CA TRP B 119 -5.97 3.00 13.22
C TRP B 119 -4.60 3.31 12.63
N MET B 120 -3.98 4.37 13.15
CA MET B 120 -2.68 4.84 12.67
C MET B 120 -1.60 3.81 12.91
N ALA B 121 -1.52 3.33 14.14
CA ALA B 121 -0.52 2.33 14.49
C ALA B 121 -0.70 1.08 13.62
N THR B 122 -1.96 0.70 13.42
CA THR B 122 -2.29 -0.47 12.61
C THR B 122 -1.84 -0.31 11.16
N TYR B 123 -2.20 0.84 10.57
CA TYR B 123 -1.83 1.15 9.20
C TYR B 123 -0.31 1.20 9.05
N LEU B 124 0.35 1.82 10.02
CA LEU B 124 1.81 1.91 9.99
C LEU B 124 2.44 0.51 9.99
N ASN B 125 2.03 -0.32 10.94
CA ASN B 125 2.56 -1.67 11.05
C ASN B 125 2.23 -2.58 9.87
N ASP B 126 1.04 -2.44 9.29
CA ASP B 126 0.62 -3.28 8.18
C ASP B 126 1.03 -2.82 6.79
N HIS B 127 1.27 -1.51 6.62
CA HIS B 127 1.56 -0.99 5.29
C HIS B 127 2.83 -0.16 5.12
N LEU B 128 3.23 0.57 6.16
CA LEU B 128 4.36 1.48 6.05
C LEU B 128 5.68 0.96 6.61
N GLU B 129 5.61 0.07 7.59
CA GLU B 129 6.81 -0.45 8.25
C GLU B 129 7.87 -1.01 7.29
N PRO B 130 7.44 -1.82 6.29
CA PRO B 130 8.47 -2.37 5.39
C PRO B 130 9.26 -1.29 4.66
N TRP B 131 8.58 -0.29 4.13
CA TRP B 131 9.25 0.81 3.46
C TRP B 131 10.16 1.56 4.43
N ILE B 132 9.66 1.79 5.65
CA ILE B 132 10.46 2.50 6.65
C ILE B 132 11.79 1.77 6.91
N GLN B 133 11.69 0.46 7.14
CA GLN B 133 12.88 -0.34 7.46
C GLN B 133 13.84 -0.45 6.27
N GLU B 134 13.27 -0.55 5.08
CA GLU B 134 14.06 -0.63 3.86
C GLU B 134 14.69 0.71 3.51
N ASN B 135 14.19 1.80 4.09
CA ASN B 135 14.74 3.11 3.79
C ASN B 135 15.56 3.74 4.91
N GLY B 136 16.17 2.89 5.75
CA GLY B 136 17.05 3.34 6.81
C GLY B 136 16.43 3.48 8.19
N GLY B 137 15.13 3.22 8.32
CA GLY B 137 14.47 3.35 9.59
C GLY B 137 14.25 4.81 9.95
N TRP B 138 13.69 5.04 11.14
CA TRP B 138 13.40 6.39 11.61
C TRP B 138 14.65 7.27 11.75
N ALA B 139 15.81 6.64 11.92
CA ALA B 139 17.07 7.39 12.02
C ALA B 139 17.31 8.20 10.76
N THR B 140 16.95 7.63 9.62
CA THR B 140 17.11 8.32 8.35
C THR B 140 16.14 9.49 8.23
N PHE B 141 14.93 9.31 8.77
CA PHE B 141 13.96 10.40 8.75
C PHE B 141 14.53 11.59 9.52
N VAL B 142 15.18 11.29 10.64
CA VAL B 142 15.79 12.35 11.45
C VAL B 142 16.85 13.12 10.67
N GLU B 143 17.68 12.41 9.91
CA GLU B 143 18.73 13.04 9.12
C GLU B 143 18.16 13.97 8.07
N LEU B 144 17.06 13.55 7.45
CA LEU B 144 16.46 14.34 6.39
C LEU B 144 15.54 15.48 6.85
N TYR B 145 14.68 15.19 7.82
CA TYR B 145 13.69 16.17 8.30
C TYR B 145 14.01 16.79 9.64
N GLY B 146 14.91 16.16 10.40
CA GLY B 146 15.30 16.65 11.70
C GLY B 146 16.59 17.46 11.64
#